data_8D0F
#
_entry.id   8D0F
#
_cell.length_a   32.940
_cell.length_b   86.363
_cell.length_c   115.757
_cell.angle_alpha   90.000
_cell.angle_beta   90.000
_cell.angle_gamma   90.000
#
_symmetry.space_group_name_H-M   'P 2 21 21'
#
loop_
_entity.id
_entity.type
_entity.pdbx_description
1 polymer 'NAD(+) hydrolase SARM1'
2 non-polymer '[[(3~{S},4~{R},5~{R})-5-(6-aminopurin-9-yl)-3,4-bis(oxidanyl)oxolan-2-yl]methoxy-oxidanyl-phosphoryl] [(2~{R},3~{S},4~{R},5~{R})-5-[4-[[methyl-[2,2,2-tris(fluoranyl)ethylcarbamoyl]amino]methyl]pyridin-1-yl]-3,4-bis(oxidanyl)oxolan-2-yl]methyl hydrogen phosphate'
3 water water
#
_entity_poly.entity_id   1
_entity_poly.type   'polypeptide(L)'
_entity_poly.pdbx_seq_one_letter_code
;SGDTPDVFISYRRNSGSQLASLLKVHLQLHGFSVFIDVEKLEAGKFEDKLIQSVMGARNFVLVLSPGALDKCMQDHDCKD
WVHKEIVTALSCGKNIVPIIDGFEWPEPQVLPEDMQAVLTFNGIKWSHEYQEATIEKIIRFLQ
;
_entity_poly.pdbx_strand_id   A,B
#
loop_
_chem_comp.id
_chem_comp.type
_chem_comp.name
_chem_comp.formula
Q0U non-polymer '[[(3~{S},4~{R},5~{R})-5-(6-aminopurin-9-yl)-3,4-bis(oxidanyl)oxolan-2-yl]methoxy-oxidanyl-phosphoryl] [(2~{R},3~{S},4~{R},5~{R})-5-[4-[[methyl-[2,2,2-tris(fluoranyl)ethylcarbamoyl]amino]methyl]pyridin-1-yl]-3,4-bis(oxidanyl)oxolan-2-yl]methyl hydrogen phosphate' 'C25 H34 F3 N8 O14 P2 1'
#
# COMPACT_ATOMS: atom_id res chain seq x y z
N THR A 4 2.16 10.62 23.29
CA THR A 4 3.03 9.47 23.18
C THR A 4 2.33 8.36 22.40
N PRO A 5 2.77 8.12 21.17
CA PRO A 5 2.17 7.04 20.38
C PRO A 5 2.55 5.67 20.92
N ASP A 6 1.60 4.73 20.80
CA ASP A 6 1.81 3.34 21.19
C ASP A 6 2.57 2.55 20.13
N VAL A 7 2.52 2.96 18.87
CA VAL A 7 3.08 2.19 17.78
C VAL A 7 3.98 3.10 16.95
N PHE A 8 5.20 2.66 16.67
CA PHE A 8 6.08 3.31 15.70
C PHE A 8 6.17 2.41 14.47
N ILE A 9 5.92 2.98 13.30
CA ILE A 9 6.00 2.21 12.06
C ILE A 9 7.28 2.59 11.34
N SER A 10 8.16 1.60 11.14
CA SER A 10 9.41 1.76 10.41
C SER A 10 9.25 1.09 9.04
N TYR A 11 9.64 1.78 7.99
CA TYR A 11 9.39 1.25 6.65
C TYR A 11 10.37 1.88 5.67
N ARG A 12 10.45 1.27 4.48
CA ARG A 12 11.25 1.79 3.38
C ARG A 12 10.32 2.54 2.44
N ARG A 13 10.63 3.82 2.20
CA ARG A 13 9.80 4.65 1.33
C ARG A 13 9.58 3.99 -0.01
N ASN A 14 10.65 3.55 -0.66
CA ASN A 14 10.53 3.13 -2.04
C ASN A 14 9.88 1.76 -2.22
N SER A 15 9.62 1.03 -1.13
CA SER A 15 8.96 -0.26 -1.25
C SER A 15 7.81 -0.50 -0.27
N GLY A 16 7.76 0.17 0.88
CA GLY A 16 6.74 -0.11 1.87
C GLY A 16 5.84 1.05 2.26
N SER A 17 5.90 2.17 1.53
N SER A 17 5.89 2.16 1.52
CA SER A 17 5.10 3.34 1.89
CA SER A 17 5.11 3.34 1.88
C SER A 17 3.61 3.01 1.95
C SER A 17 3.61 3.03 1.93
N GLN A 18 3.11 2.27 0.97
CA GLN A 18 1.68 2.01 0.93
C GLN A 18 1.25 1.07 2.05
N LEU A 19 2.00 -0.02 2.26
CA LEU A 19 1.68 -0.93 3.36
C LEU A 19 1.82 -0.25 4.71
N ALA A 20 2.87 0.57 4.89
CA ALA A 20 3.01 1.30 6.15
C ALA A 20 1.80 2.19 6.38
N SER A 21 1.31 2.86 5.33
CA SER A 21 0.14 3.72 5.47
C SER A 21 -1.10 2.91 5.78
N LEU A 22 -1.24 1.75 5.15
CA LEU A 22 -2.38 0.88 5.40
C LEU A 22 -2.38 0.37 6.84
N LEU A 23 -1.20 -0.06 7.32
CA LEU A 23 -1.08 -0.45 8.72
C LEU A 23 -1.47 0.70 9.64
N LYS A 24 -1.06 1.93 9.31
CA LYS A 24 -1.41 3.07 10.13
C LYS A 24 -2.94 3.21 10.24
N VAL A 25 -3.65 3.13 9.10
CA VAL A 25 -5.09 3.36 9.12
C VAL A 25 -5.78 2.30 9.99
N HIS A 26 -5.46 1.03 9.77
CA HIS A 26 -6.08 -0.04 10.54
C HIS A 26 -5.81 0.10 12.03
N LEU A 27 -4.54 0.34 12.39
CA LEU A 27 -4.19 0.40 13.82
C LEU A 27 -4.90 1.58 14.49
N GLN A 28 -5.04 2.71 13.78
CA GLN A 28 -5.78 3.83 14.37
C GLN A 28 -7.25 3.50 14.53
N LEU A 29 -7.84 2.80 13.58
CA LEU A 29 -9.23 2.40 13.70
C LEU A 29 -9.44 1.49 14.90
N HIS A 30 -8.41 0.77 15.32
CA HIS A 30 -8.51 -0.10 16.50
C HIS A 30 -8.06 0.58 17.78
N GLY A 31 -7.92 1.90 17.78
CA GLY A 31 -7.65 2.64 19.00
C GLY A 31 -6.20 2.87 19.35
N PHE A 32 -5.27 2.56 18.44
CA PHE A 32 -3.87 2.78 18.74
C PHE A 32 -3.44 4.14 18.23
N SER A 33 -2.63 4.83 19.03
CA SER A 33 -1.93 6.01 18.56
C SER A 33 -0.68 5.56 17.79
N VAL A 34 -0.53 6.04 16.57
CA VAL A 34 0.49 5.54 15.66
C VAL A 34 1.39 6.68 15.24
N PHE A 35 2.70 6.43 15.27
CA PHE A 35 3.67 7.32 14.65
C PHE A 35 4.07 6.72 13.30
N ILE A 36 3.80 7.45 12.24
CA ILE A 36 4.48 7.27 10.97
C ILE A 36 4.96 8.65 10.53
N ASP A 37 6.15 8.70 9.93
CA ASP A 37 6.84 9.98 9.76
C ASP A 37 5.98 11.01 9.04
N VAL A 38 5.33 10.61 7.94
CA VAL A 38 4.60 11.60 7.15
C VAL A 38 3.39 12.17 7.88
N GLU A 39 2.97 11.55 8.98
CA GLU A 39 1.85 12.09 9.75
C GLU A 39 2.28 12.81 11.02
N LYS A 40 3.37 12.38 11.66
CA LYS A 40 3.73 12.91 12.98
C LYS A 40 5.17 13.38 13.15
N LEU A 41 6.05 13.25 12.15
CA LEU A 41 7.37 13.85 12.25
C LEU A 41 7.22 15.33 11.91
N GLU A 42 7.40 16.19 12.91
CA GLU A 42 7.13 17.60 12.70
C GLU A 42 8.39 18.42 12.77
N ALA A 43 8.30 19.61 13.34
CA ALA A 43 9.39 20.57 13.20
C ALA A 43 10.57 20.20 14.06
N GLY A 44 11.76 20.53 13.57
CA GLY A 44 13.00 20.44 14.32
C GLY A 44 13.99 19.53 13.62
N LYS A 45 15.08 19.23 14.33
CA LYS A 45 16.09 18.34 13.78
C LYS A 45 15.56 16.90 13.77
N PHE A 46 15.44 16.31 12.59
CA PHE A 46 14.66 15.07 12.51
C PHE A 46 15.40 13.85 13.03
N GLU A 47 16.73 13.87 13.03
CA GLU A 47 17.48 12.72 13.52
C GLU A 47 17.13 12.42 14.98
N ASP A 48 17.15 13.43 15.84
CA ASP A 48 16.78 13.24 17.24
C ASP A 48 15.29 13.04 17.43
N LYS A 49 14.46 13.70 16.61
CA LYS A 49 13.02 13.51 16.74
C LYS A 49 12.61 12.09 16.40
N LEU A 50 13.21 11.51 15.35
CA LEU A 50 12.90 10.12 14.99
C LEU A 50 13.32 9.15 16.09
N ILE A 51 14.54 9.28 16.58
CA ILE A 51 15.04 8.41 17.65
C ILE A 51 14.12 8.47 18.88
N GLN A 52 13.75 9.68 19.29
CA GLN A 52 12.90 9.81 20.47
C GLN A 52 11.52 9.20 20.23
N SER A 53 11.03 9.27 19.00
CA SER A 53 9.71 8.70 18.71
C SER A 53 9.76 7.17 18.79
N VAL A 54 10.87 6.56 18.36
CA VAL A 54 10.99 5.12 18.55
C VAL A 54 11.01 4.80 20.03
N MET A 55 11.80 5.55 20.79
CA MET A 55 11.91 5.30 22.21
C MET A 55 10.55 5.43 22.89
N GLY A 56 9.75 6.38 22.44
CA GLY A 56 8.52 6.68 23.14
C GLY A 56 7.41 5.66 22.93
N ALA A 57 7.51 4.85 21.88
CA ALA A 57 6.44 3.94 21.48
C ALA A 57 6.72 2.54 22.01
N ARG A 58 5.71 1.91 22.62
CA ARG A 58 5.91 0.56 23.16
C ARG A 58 6.14 -0.45 22.05
N ASN A 59 5.43 -0.29 20.94
CA ASN A 59 5.44 -1.26 19.86
C ASN A 59 6.22 -0.70 18.68
N PHE A 60 7.02 -1.54 18.04
CA PHE A 60 7.82 -1.15 16.88
C PHE A 60 7.44 -2.06 15.72
N VAL A 61 6.62 -1.56 14.80
CA VAL A 61 6.12 -2.33 13.66
C VAL A 61 7.06 -2.08 12.48
N LEU A 62 7.73 -3.12 12.01
CA LEU A 62 8.77 -3.02 10.99
C LEU A 62 8.24 -3.61 9.67
N VAL A 63 8.12 -2.77 8.63
CA VAL A 63 7.56 -3.23 7.36
C VAL A 63 8.69 -3.83 6.53
N LEU A 64 8.74 -5.16 6.47
CA LEU A 64 9.73 -5.87 5.66
C LEU A 64 9.15 -6.12 4.27
N SER A 65 9.20 -5.08 3.44
CA SER A 65 8.95 -5.17 2.01
C SER A 65 10.17 -5.81 1.35
N PRO A 66 10.10 -6.13 0.05
CA PRO A 66 11.25 -6.76 -0.60
C PRO A 66 12.46 -5.83 -0.65
N GLY A 67 13.59 -6.33 -0.19
CA GLY A 67 14.81 -5.53 -0.16
C GLY A 67 14.86 -4.50 0.95
N ALA A 68 13.92 -4.54 1.90
CA ALA A 68 13.80 -3.48 2.89
C ALA A 68 15.06 -3.31 3.74
N LEU A 69 15.87 -4.35 3.89
CA LEU A 69 17.09 -4.23 4.68
C LEU A 69 18.34 -4.11 3.81
N ASP A 70 18.19 -3.90 2.50
CA ASP A 70 19.36 -3.84 1.62
C ASP A 70 20.26 -2.66 1.98
N LYS A 71 19.68 -1.47 2.15
CA LYS A 71 20.50 -0.32 2.50
C LYS A 71 21.13 -0.43 3.88
N CYS A 72 20.67 -1.36 4.72
CA CYS A 72 21.30 -1.61 6.01
C CYS A 72 22.61 -2.38 5.87
N MET A 73 22.79 -3.12 4.79
CA MET A 73 23.95 -4.00 4.69
C MET A 73 25.21 -3.17 4.47
N GLN A 74 26.26 -3.49 5.23
CA GLN A 74 27.52 -2.75 5.27
C GLN A 74 27.36 -1.34 5.81
N ASP A 75 26.22 -1.01 6.42
CA ASP A 75 25.99 0.32 7.00
C ASP A 75 26.49 0.37 8.44
N HIS A 76 27.77 0.03 8.60
CA HIS A 76 28.33 -0.10 9.94
C HIS A 76 28.39 1.24 10.67
N ASP A 77 28.47 2.33 9.92
CA ASP A 77 28.39 3.66 10.50
C ASP A 77 26.96 4.05 10.89
N CYS A 78 25.99 3.17 10.68
CA CYS A 78 24.61 3.36 11.12
C CYS A 78 24.05 4.70 10.64
N LYS A 79 24.20 4.98 9.35
CA LYS A 79 23.59 6.17 8.77
C LYS A 79 22.32 5.87 7.98
N ASP A 80 22.03 4.59 7.72
CA ASP A 80 20.75 4.24 7.13
C ASP A 80 19.64 4.35 8.16
N TRP A 81 18.52 4.93 7.76
CA TRP A 81 17.53 5.31 8.76
C TRP A 81 16.73 4.13 9.28
N VAL A 82 16.46 3.14 8.43
CA VAL A 82 15.80 1.94 8.94
C VAL A 82 16.75 1.21 9.89
N HIS A 83 18.02 1.15 9.53
CA HIS A 83 19.02 0.61 10.43
C HIS A 83 18.98 1.33 11.78
N LYS A 84 19.06 2.66 11.77
CA LYS A 84 19.03 3.43 13.02
C LYS A 84 17.78 3.12 13.84
N GLU A 85 16.62 3.07 13.19
CA GLU A 85 15.37 2.83 13.89
C GLU A 85 15.35 1.45 14.54
N ILE A 86 15.83 0.44 13.80
CA ILE A 86 15.86 -0.93 14.33
C ILE A 86 16.80 -1.03 15.52
N VAL A 87 18.01 -0.44 15.40
CA VAL A 87 18.95 -0.46 16.51
C VAL A 87 18.33 0.20 17.74
N THR A 88 17.65 1.32 17.53
CA THR A 88 16.97 1.97 18.65
C THR A 88 15.95 1.03 19.26
N ALA A 89 15.10 0.41 18.43
CA ALA A 89 14.09 -0.51 18.94
C ALA A 89 14.73 -1.69 19.68
N LEU A 90 15.81 -2.24 19.14
CA LEU A 90 16.47 -3.36 19.82
C LEU A 90 17.03 -2.91 21.15
N SER A 91 17.73 -1.77 21.14
CA SER A 91 18.44 -1.29 22.34
C SER A 91 17.48 -0.95 23.46
N CYS A 92 16.26 -0.57 23.13
CA CYS A 92 15.25 -0.17 24.11
C CYS A 92 14.35 -1.33 24.49
N GLY A 93 14.60 -2.52 23.96
CA GLY A 93 13.79 -3.68 24.33
C GLY A 93 12.35 -3.55 23.87
N LYS A 94 12.13 -2.91 22.73
CA LYS A 94 10.79 -2.69 22.25
C LYS A 94 10.14 -4.01 21.86
N ASN A 95 8.81 -3.99 21.87
CA ASN A 95 8.03 -5.09 21.27
C ASN A 95 8.11 -4.93 19.76
N ILE A 96 8.99 -5.69 19.12
CA ILE A 96 9.24 -5.56 17.69
C ILE A 96 8.35 -6.57 16.95
N VAL A 97 7.54 -6.06 16.03
CA VAL A 97 6.60 -6.86 15.27
C VAL A 97 6.90 -6.66 13.80
N PRO A 98 7.72 -7.50 13.19
CA PRO A 98 8.00 -7.38 11.75
C PRO A 98 6.80 -7.82 10.94
N ILE A 99 6.60 -7.16 9.81
CA ILE A 99 5.52 -7.47 8.87
C ILE A 99 6.17 -7.94 7.58
N ILE A 100 5.91 -9.18 7.21
CA ILE A 100 6.59 -9.80 6.09
C ILE A 100 5.74 -9.58 4.83
N ASP A 101 6.26 -8.80 3.89
CA ASP A 101 5.56 -8.53 2.64
C ASP A 101 6.55 -8.76 1.48
N GLY A 102 6.73 -10.04 1.11
CA GLY A 102 7.67 -10.36 0.06
C GLY A 102 9.11 -10.33 0.47
N PHE A 103 9.38 -10.22 1.77
CA PHE A 103 10.74 -10.16 2.28
C PHE A 103 11.43 -11.51 2.13
N GLU A 104 12.68 -11.49 1.67
CA GLU A 104 13.50 -12.69 1.66
C GLU A 104 14.37 -12.70 2.91
N TRP A 105 14.26 -13.76 3.71
CA TRP A 105 15.02 -13.85 4.94
C TRP A 105 16.50 -13.94 4.64
N PRO A 106 17.32 -12.96 5.01
CA PRO A 106 18.74 -13.00 4.70
C PRO A 106 19.51 -13.80 5.74
N GLU A 107 20.69 -14.27 5.33
CA GLU A 107 21.63 -14.83 6.28
C GLU A 107 22.03 -13.75 7.26
N PRO A 108 22.04 -14.03 8.58
CA PRO A 108 22.27 -12.94 9.55
C PRO A 108 23.57 -12.19 9.32
N GLN A 109 24.61 -12.89 8.85
CA GLN A 109 25.95 -12.31 8.77
C GLN A 109 26.09 -11.23 7.71
N VAL A 110 25.06 -10.99 6.86
CA VAL A 110 25.15 -9.90 5.90
C VAL A 110 24.73 -8.57 6.49
N LEU A 111 24.11 -8.55 7.68
CA LEU A 111 23.62 -7.38 8.38
C LEU A 111 24.64 -6.92 9.42
N PRO A 112 24.70 -5.63 9.73
CA PRO A 112 25.55 -5.19 10.84
C PRO A 112 25.16 -5.91 12.13
N GLU A 113 26.19 -6.22 12.94
CA GLU A 113 25.99 -6.96 14.18
C GLU A 113 24.92 -6.33 15.07
N ASP A 114 24.87 -4.99 15.10
CA ASP A 114 23.97 -4.32 16.02
C ASP A 114 22.50 -4.46 15.66
N MET A 115 22.17 -5.06 14.51
CA MET A 115 20.76 -5.23 14.15
C MET A 115 20.41 -6.66 13.72
N GLN A 116 21.35 -7.61 13.81
CA GLN A 116 21.06 -8.99 13.43
C GLN A 116 19.95 -9.59 14.28
N ALA A 117 19.77 -9.11 15.51
CA ALA A 117 18.73 -9.64 16.38
C ALA A 117 17.32 -9.37 15.86
N VAL A 118 17.14 -8.43 14.92
CA VAL A 118 15.79 -8.18 14.43
C VAL A 118 15.21 -9.42 13.75
N LEU A 119 16.07 -10.21 13.12
CA LEU A 119 15.60 -11.43 12.45
C LEU A 119 15.07 -12.49 13.41
N THR A 120 15.38 -12.39 14.70
CA THR A 120 14.96 -13.37 15.69
C THR A 120 13.56 -13.10 16.24
N PHE A 121 12.91 -12.02 15.83
CA PHE A 121 11.55 -11.74 16.27
C PHE A 121 10.53 -12.40 15.36
N ASN A 122 9.42 -12.80 15.95
CA ASN A 122 8.38 -13.52 15.22
C ASN A 122 7.64 -12.56 14.29
N GLY A 123 7.69 -12.83 12.99
CA GLY A 123 7.12 -11.93 12.00
C GLY A 123 5.76 -12.37 11.52
N ILE A 124 4.96 -11.40 11.10
CA ILE A 124 3.60 -11.64 10.62
C ILE A 124 3.60 -11.51 9.10
N LYS A 125 3.10 -12.53 8.44
CA LYS A 125 3.01 -12.53 6.98
C LYS A 125 1.83 -11.68 6.54
N TRP A 126 2.08 -10.71 5.66
CA TRP A 126 1.01 -9.91 5.12
C TRP A 126 0.29 -10.73 4.05
N SER A 127 -1.01 -10.93 4.22
CA SER A 127 -1.82 -11.70 3.28
C SER A 127 -2.76 -10.76 2.52
N HIS A 128 -2.46 -10.52 1.24
CA HIS A 128 -3.36 -9.72 0.40
C HIS A 128 -4.77 -10.28 0.41
N GLU A 129 -4.90 -11.60 0.38
CA GLU A 129 -6.22 -12.22 0.32
C GLU A 129 -6.93 -12.25 1.67
N TYR A 130 -6.20 -12.19 2.79
CA TYR A 130 -6.79 -12.23 4.13
C TYR A 130 -6.24 -11.04 4.95
N GLN A 131 -6.56 -9.82 4.52
CA GLN A 131 -5.99 -8.66 5.21
C GLN A 131 -6.63 -8.45 6.58
N GLU A 132 -7.94 -8.64 6.69
CA GLU A 132 -8.58 -8.50 7.99
C GLU A 132 -7.96 -9.45 9.02
N ALA A 133 -7.66 -10.69 8.60
CA ALA A 133 -7.06 -11.64 9.53
C ALA A 133 -5.62 -11.25 9.85
N THR A 134 -4.89 -10.71 8.87
CA THR A 134 -3.55 -10.21 9.14
C THR A 134 -3.59 -9.09 10.17
N ILE A 135 -4.53 -8.15 10.00
CA ILE A 135 -4.64 -7.03 10.93
C ILE A 135 -4.99 -7.55 12.33
N GLU A 136 -5.97 -8.45 12.42
CA GLU A 136 -6.35 -8.98 13.72
C GLU A 136 -5.15 -9.62 14.41
N LYS A 137 -4.28 -10.30 13.65
CA LYS A 137 -3.11 -10.92 14.25
C LYS A 137 -2.09 -9.87 14.70
N ILE A 138 -1.90 -8.81 13.91
CA ILE A 138 -1.01 -7.74 14.33
C ILE A 138 -1.49 -7.14 15.64
N ILE A 139 -2.79 -6.91 15.77
CA ILE A 139 -3.35 -6.38 17.00
C ILE A 139 -3.05 -7.31 18.18
N ARG A 140 -3.16 -8.62 17.95
CA ARG A 140 -2.84 -9.59 19.00
C ARG A 140 -1.39 -9.47 19.46
N PHE A 141 -0.48 -9.17 18.53
CA PHE A 141 0.92 -9.02 18.85
C PHE A 141 1.23 -7.72 19.59
N LEU A 142 0.39 -6.70 19.46
CA LEU A 142 0.70 -5.43 20.11
C LEU A 142 0.47 -5.50 21.61
N GLN A 143 1.22 -4.67 22.34
CA GLN A 143 1.11 -4.53 23.78
C GLN A 143 0.46 -3.21 24.18
N THR B 4 -25.11 -3.91 -5.02
CA THR B 4 -24.33 -3.27 -6.08
C THR B 4 -23.38 -2.23 -5.50
N PRO B 5 -22.09 -2.55 -5.47
CA PRO B 5 -21.10 -1.58 -4.99
C PRO B 5 -21.08 -0.35 -5.88
N ASP B 6 -20.80 0.80 -5.25
CA ASP B 6 -20.71 2.08 -5.93
C ASP B 6 -19.37 2.29 -6.63
N VAL B 7 -18.33 1.57 -6.19
CA VAL B 7 -16.96 1.80 -6.64
C VAL B 7 -16.32 0.47 -6.96
N PHE B 8 -15.76 0.36 -8.16
CA PHE B 8 -14.91 -0.77 -8.55
C PHE B 8 -13.47 -0.30 -8.60
N ILE B 9 -12.56 -1.02 -7.93
CA ILE B 9 -11.14 -0.69 -7.90
C ILE B 9 -10.40 -1.68 -8.80
N SER B 10 -9.81 -1.17 -9.87
CA SER B 10 -9.00 -1.95 -10.80
C SER B 10 -7.53 -1.68 -10.53
N TYR B 11 -6.72 -2.73 -10.49
CA TYR B 11 -5.34 -2.53 -10.06
C TYR B 11 -4.49 -3.70 -10.54
N ARG B 12 -3.18 -3.51 -10.45
CA ARG B 12 -2.20 -4.51 -10.84
C ARG B 12 -1.65 -5.16 -9.58
N ARG B 13 -1.82 -6.48 -9.47
CA ARG B 13 -1.43 -7.18 -8.25
C ARG B 13 0.02 -6.92 -7.89
N ASN B 14 0.91 -6.96 -8.89
CA ASN B 14 2.34 -6.94 -8.61
C ASN B 14 2.90 -5.54 -8.37
N SER B 15 2.08 -4.48 -8.40
CA SER B 15 2.60 -3.16 -8.11
C SER B 15 1.61 -2.25 -7.38
N GLY B 16 0.33 -2.64 -7.36
CA GLY B 16 -0.70 -1.77 -6.82
C GLY B 16 -1.60 -2.35 -5.74
N SER B 17 -1.29 -3.57 -5.25
CA SER B 17 -2.17 -4.24 -4.29
C SER B 17 -2.34 -3.42 -3.03
N GLN B 18 -1.25 -2.86 -2.50
CA GLN B 18 -1.34 -2.13 -1.24
C GLN B 18 -2.13 -0.84 -1.41
N LEU B 19 -1.86 -0.07 -2.45
CA LEU B 19 -2.62 1.16 -2.67
C LEU B 19 -4.10 0.85 -2.89
N ALA B 20 -4.39 -0.23 -3.63
CA ALA B 20 -5.77 -0.60 -3.90
C ALA B 20 -6.51 -0.90 -2.61
N SER B 21 -5.87 -1.65 -1.69
CA SER B 21 -6.50 -1.95 -0.42
C SER B 21 -6.60 -0.69 0.44
N LEU B 22 -5.57 0.16 0.38
CA LEU B 22 -5.61 1.43 1.11
C LEU B 22 -6.76 2.29 0.63
N LEU B 23 -6.95 2.34 -0.68
CA LEU B 23 -8.08 3.08 -1.25
C LEU B 23 -9.40 2.47 -0.81
N LYS B 24 -9.50 1.13 -0.78
CA LYS B 24 -10.73 0.49 -0.37
C LYS B 24 -11.10 0.87 1.07
N VAL B 25 -10.12 0.79 1.99
CA VAL B 25 -10.39 1.13 3.40
C VAL B 25 -10.91 2.55 3.53
N HIS B 26 -10.20 3.51 2.93
CA HIS B 26 -10.61 4.91 3.03
C HIS B 26 -12.01 5.14 2.43
N LEU B 27 -12.28 4.56 1.27
CA LEU B 27 -13.56 4.85 0.65
C LEU B 27 -14.71 4.27 1.46
N GLN B 28 -14.52 3.08 2.04
CA GLN B 28 -15.53 2.50 2.93
C GLN B 28 -15.70 3.33 4.20
N LEU B 29 -14.62 3.90 4.73
CA LEU B 29 -14.75 4.75 5.90
C LEU B 29 -15.60 5.99 5.60
N HIS B 30 -15.62 6.44 4.36
CA HIS B 30 -16.42 7.58 3.94
C HIS B 30 -17.75 7.17 3.34
N GLY B 31 -18.15 5.91 3.50
CA GLY B 31 -19.51 5.49 3.20
C GLY B 31 -19.76 4.96 1.81
N PHE B 32 -18.73 4.66 1.03
CA PHE B 32 -18.91 4.07 -0.30
C PHE B 32 -18.84 2.56 -0.21
N SER B 33 -19.76 1.89 -0.91
CA SER B 33 -19.61 0.47 -1.15
C SER B 33 -18.56 0.27 -2.23
N VAL B 34 -17.60 -0.60 -1.97
CA VAL B 34 -16.42 -0.77 -2.81
C VAL B 34 -16.28 -2.23 -3.20
N PHE B 35 -16.00 -2.47 -4.49
CA PHE B 35 -15.60 -3.78 -4.95
C PHE B 35 -14.10 -3.78 -5.16
N ILE B 36 -13.41 -4.64 -4.44
CA ILE B 36 -12.06 -5.05 -4.79
C ILE B 36 -12.06 -6.56 -4.76
N ASP B 37 -11.34 -7.17 -5.68
CA ASP B 37 -11.54 -8.59 -5.93
C ASP B 37 -11.31 -9.44 -4.68
N VAL B 38 -10.26 -9.15 -3.89
CA VAL B 38 -9.97 -9.98 -2.73
C VAL B 38 -11.04 -9.91 -1.67
N GLU B 39 -11.95 -8.95 -1.75
CA GLU B 39 -13.00 -8.86 -0.75
C GLU B 39 -14.38 -9.20 -1.26
N LYS B 40 -14.64 -9.07 -2.57
CA LYS B 40 -15.98 -9.22 -3.08
C LYS B 40 -16.10 -10.11 -4.31
N LEU B 41 -15.00 -10.60 -4.88
CA LEU B 41 -15.08 -11.58 -5.95
C LEU B 41 -15.28 -12.95 -5.31
N GLU B 42 -16.50 -13.48 -5.42
CA GLU B 42 -16.83 -14.71 -4.72
C GLU B 42 -17.00 -15.87 -5.70
N ALA B 43 -18.02 -16.71 -5.51
CA ALA B 43 -18.03 -18.00 -6.20
C ALA B 43 -18.43 -17.84 -7.66
N GLY B 44 -17.89 -18.71 -8.51
CA GLY B 44 -18.34 -18.85 -9.88
C GLY B 44 -17.28 -18.52 -10.90
N LYS B 45 -17.70 -18.46 -12.16
CA LYS B 45 -16.78 -18.12 -13.24
C LYS B 45 -16.41 -16.65 -13.13
N PHE B 46 -15.13 -16.39 -12.85
CA PHE B 46 -14.74 -15.04 -12.45
C PHE B 46 -14.68 -14.09 -13.64
N GLU B 47 -14.51 -14.61 -14.86
CA GLU B 47 -14.64 -13.77 -16.05
C GLU B 47 -15.94 -12.99 -16.02
N ASP B 48 -17.05 -13.70 -15.90
CA ASP B 48 -18.35 -13.05 -15.88
C ASP B 48 -18.54 -12.18 -14.65
N LYS B 49 -18.13 -12.67 -13.47
CA LYS B 49 -18.38 -11.91 -12.25
C LYS B 49 -17.61 -10.60 -12.22
N LEU B 50 -16.36 -10.61 -12.69
CA LEU B 50 -15.58 -9.37 -12.70
C LEU B 50 -16.22 -8.34 -13.63
N ILE B 51 -16.54 -8.75 -14.85
CA ILE B 51 -17.14 -7.84 -15.81
C ILE B 51 -18.46 -7.31 -15.29
N GLN B 52 -19.28 -8.19 -14.70
CA GLN B 52 -20.54 -7.77 -14.09
C GLN B 52 -20.29 -6.72 -13.01
N SER B 53 -19.25 -6.91 -12.21
CA SER B 53 -19.00 -5.99 -11.11
C SER B 53 -18.57 -4.62 -11.63
N VAL B 54 -17.80 -4.59 -12.72
CA VAL B 54 -17.45 -3.31 -13.35
C VAL B 54 -18.70 -2.64 -13.90
N MET B 55 -19.53 -3.41 -14.61
CA MET B 55 -20.76 -2.85 -15.19
C MET B 55 -21.69 -2.30 -14.12
N GLY B 56 -21.63 -2.84 -12.91
CA GLY B 56 -22.60 -2.49 -11.89
C GLY B 56 -22.24 -1.26 -11.08
N ALA B 57 -20.97 -0.85 -11.13
CA ALA B 57 -20.42 0.16 -10.24
C ALA B 57 -20.37 1.51 -10.94
N ARG B 58 -20.91 2.54 -10.29
CA ARG B 58 -20.96 3.85 -10.94
C ARG B 58 -19.56 4.41 -11.17
N ASN B 59 -18.64 4.16 -10.23
CA ASN B 59 -17.30 4.73 -10.26
C ASN B 59 -16.28 3.63 -10.51
N PHE B 60 -15.27 3.95 -11.31
CA PHE B 60 -14.22 3.01 -11.70
C PHE B 60 -12.89 3.64 -11.30
N VAL B 61 -12.35 3.20 -10.17
CA VAL B 61 -11.12 3.76 -9.63
C VAL B 61 -9.97 2.88 -10.11
N LEU B 62 -9.07 3.48 -10.89
CA LEU B 62 -8.03 2.75 -11.59
C LEU B 62 -6.68 3.10 -10.98
N VAL B 63 -6.00 2.10 -10.43
CA VAL B 63 -4.77 2.38 -9.70
C VAL B 63 -3.62 2.30 -10.70
N LEU B 64 -3.04 3.46 -11.03
CA LEU B 64 -1.96 3.52 -12.00
C LEU B 64 -0.65 3.55 -11.21
N SER B 65 -0.26 2.37 -10.74
CA SER B 65 1.05 2.16 -10.17
C SER B 65 2.06 2.12 -11.32
N PRO B 66 3.38 2.12 -11.01
CA PRO B 66 4.37 2.12 -12.10
C PRO B 66 4.19 0.92 -13.02
N GLY B 67 4.07 1.19 -14.31
CA GLY B 67 3.94 0.13 -15.28
C GLY B 67 2.61 -0.58 -15.26
N ALA B 68 1.57 0.05 -14.72
CA ALA B 68 0.31 -0.66 -14.51
C ALA B 68 -0.37 -1.03 -15.82
N LEU B 69 -0.09 -0.32 -16.91
CA LEU B 69 -0.67 -0.65 -18.21
C LEU B 69 0.29 -1.39 -19.12
N ASP B 70 1.46 -1.80 -18.62
CA ASP B 70 2.42 -2.49 -19.46
C ASP B 70 1.81 -3.76 -20.05
N LYS B 71 1.14 -4.56 -19.23
CA LYS B 71 0.58 -5.81 -19.76
C LYS B 71 -0.59 -5.58 -20.72
N CYS B 72 -1.18 -4.38 -20.73
CA CYS B 72 -2.22 -4.08 -21.72
C CYS B 72 -1.64 -3.85 -23.10
N MET B 73 -0.38 -3.42 -23.18
CA MET B 73 0.21 -3.10 -24.46
C MET B 73 0.29 -4.35 -25.32
N GLN B 74 -0.17 -4.23 -26.57
CA GLN B 74 -0.19 -5.29 -27.56
C GLN B 74 -1.13 -6.43 -27.20
N ASP B 75 -2.00 -6.23 -26.21
CA ASP B 75 -2.98 -7.25 -25.83
C ASP B 75 -4.23 -7.06 -26.69
N HIS B 76 -4.06 -7.30 -27.98
CA HIS B 76 -5.12 -6.95 -28.91
C HIS B 76 -6.29 -7.92 -28.83
N ASP B 77 -6.07 -9.16 -28.38
CA ASP B 77 -7.14 -10.11 -28.08
C ASP B 77 -7.83 -9.82 -26.76
N CYS B 78 -7.39 -8.82 -26.02
CA CYS B 78 -8.03 -8.39 -24.77
C CYS B 78 -8.04 -9.52 -23.72
N LYS B 79 -6.89 -10.17 -23.54
CA LYS B 79 -6.75 -11.21 -22.53
C LYS B 79 -6.33 -10.66 -21.17
N ASP B 80 -5.68 -9.51 -21.15
CA ASP B 80 -5.20 -8.93 -19.91
C ASP B 80 -6.36 -8.41 -19.07
N TRP B 81 -6.26 -8.59 -17.75
CA TRP B 81 -7.45 -8.32 -16.97
C TRP B 81 -7.65 -6.84 -16.69
N VAL B 82 -6.58 -6.07 -16.55
CA VAL B 82 -6.81 -4.64 -16.37
C VAL B 82 -7.30 -4.05 -17.68
N HIS B 83 -6.80 -4.60 -18.80
CA HIS B 83 -7.33 -4.19 -20.10
C HIS B 83 -8.85 -4.45 -20.17
N LYS B 84 -9.29 -5.66 -19.83
CA LYS B 84 -10.72 -5.98 -19.91
C LYS B 84 -11.54 -5.07 -19.01
N GLU B 85 -11.02 -4.77 -17.81
CA GLU B 85 -11.80 -3.97 -16.87
C GLU B 85 -11.91 -2.54 -17.38
N ILE B 86 -10.82 -2.02 -17.95
CA ILE B 86 -10.84 -0.65 -18.48
C ILE B 86 -11.83 -0.56 -19.63
N VAL B 87 -11.76 -1.52 -20.56
CA VAL B 87 -12.66 -1.48 -21.72
C VAL B 87 -14.11 -1.55 -21.27
N THR B 88 -14.40 -2.43 -20.30
CA THR B 88 -15.73 -2.48 -19.72
C THR B 88 -16.14 -1.13 -19.14
N ALA B 89 -15.26 -0.51 -18.33
CA ALA B 89 -15.58 0.80 -17.76
C ALA B 89 -15.82 1.85 -18.85
N LEU B 90 -14.94 1.90 -19.85
CA LEU B 90 -15.11 2.86 -20.95
C LEU B 90 -16.41 2.61 -21.70
N SER B 91 -16.74 1.33 -21.94
CA SER B 91 -17.93 1.00 -22.73
C SER B 91 -19.22 1.35 -22.01
N CYS B 92 -19.23 1.22 -20.69
CA CYS B 92 -20.41 1.56 -19.90
C CYS B 92 -20.45 3.02 -19.46
N GLY B 93 -19.50 3.84 -19.92
CA GLY B 93 -19.55 5.25 -19.56
C GLY B 93 -19.40 5.49 -18.07
N LYS B 94 -18.62 4.65 -17.39
CA LYS B 94 -18.48 4.81 -15.96
C LYS B 94 -17.66 6.06 -15.62
N ASN B 95 -17.80 6.49 -14.36
CA ASN B 95 -16.99 7.59 -13.87
C ASN B 95 -15.60 7.03 -13.59
N ILE B 96 -14.67 7.23 -14.52
CA ILE B 96 -13.34 6.67 -14.38
C ILE B 96 -12.47 7.69 -13.64
N VAL B 97 -11.80 7.23 -12.59
CA VAL B 97 -10.96 8.06 -11.74
C VAL B 97 -9.59 7.40 -11.59
N PRO B 98 -8.64 7.73 -12.46
CA PRO B 98 -7.30 7.15 -12.34
C PRO B 98 -6.58 7.73 -11.13
N ILE B 99 -5.91 6.88 -10.37
CA ILE B 99 -5.07 7.32 -9.25
C ILE B 99 -3.62 7.14 -9.66
N ILE B 100 -2.87 8.23 -9.73
CA ILE B 100 -1.51 8.21 -10.27
C ILE B 100 -0.54 7.98 -9.13
N ASP B 101 0.25 6.90 -9.21
CA ASP B 101 1.25 6.60 -8.16
C ASP B 101 2.57 6.22 -8.82
N GLY B 102 3.34 7.23 -9.23
CA GLY B 102 4.57 6.98 -9.97
C GLY B 102 4.35 6.43 -11.37
N PHE B 103 3.14 6.56 -11.90
CA PHE B 103 2.84 6.12 -13.25
C PHE B 103 3.41 7.13 -14.25
N GLU B 104 3.99 6.62 -15.33
CA GLU B 104 4.52 7.47 -16.39
C GLU B 104 3.56 7.46 -17.57
N TRP B 105 3.17 8.63 -18.02
CA TRP B 105 2.16 8.73 -19.06
C TRP B 105 2.70 8.23 -20.40
N PRO B 106 2.16 7.17 -20.96
CA PRO B 106 2.63 6.69 -22.26
C PRO B 106 1.98 7.45 -23.41
N GLU B 107 2.60 7.35 -24.56
CA GLU B 107 1.96 7.82 -25.77
C GLU B 107 0.73 6.97 -26.03
N PRO B 108 -0.42 7.57 -26.38
CA PRO B 108 -1.63 6.76 -26.57
C PRO B 108 -1.42 5.57 -27.49
N GLN B 109 -0.64 5.74 -28.55
CA GLN B 109 -0.53 4.73 -29.60
C GLN B 109 0.10 3.43 -29.11
N VAL B 110 0.75 3.42 -27.95
CA VAL B 110 1.30 2.16 -27.44
C VAL B 110 0.23 1.28 -26.83
N LEU B 111 -0.99 1.78 -26.65
CA LEU B 111 -2.08 1.05 -26.02
C LEU B 111 -3.10 0.60 -27.07
N PRO B 112 -3.81 -0.51 -26.82
CA PRO B 112 -4.87 -0.90 -27.76
C PRO B 112 -5.89 0.21 -27.92
N GLU B 113 -6.38 0.36 -29.15
CA GLU B 113 -7.25 1.49 -29.46
C GLU B 113 -8.52 1.47 -28.61
N ASP B 114 -8.95 0.30 -28.16
CA ASP B 114 -10.18 0.24 -27.37
C ASP B 114 -10.00 0.76 -25.95
N MET B 115 -8.77 1.06 -25.51
CA MET B 115 -8.59 1.62 -24.17
C MET B 115 -7.74 2.88 -24.16
N GLN B 116 -7.40 3.44 -25.31
CA GLN B 116 -6.60 4.66 -25.30
C GLN B 116 -7.34 5.80 -24.62
N ALA B 117 -8.67 5.79 -24.67
CA ALA B 117 -9.47 6.84 -24.06
C ALA B 117 -9.22 6.98 -22.57
N VAL B 118 -8.67 5.96 -21.91
CA VAL B 118 -8.51 6.07 -20.46
C VAL B 118 -7.54 7.20 -20.12
N LEU B 119 -6.61 7.52 -21.02
CA LEU B 119 -5.66 8.58 -20.72
C LEU B 119 -6.31 9.96 -20.68
N THR B 120 -7.49 10.11 -21.26
CA THR B 120 -8.16 11.41 -21.34
C THR B 120 -8.92 11.74 -20.06
N PHE B 121 -8.88 10.89 -19.05
CA PHE B 121 -9.60 11.13 -17.81
C PHE B 121 -8.69 11.79 -16.79
N ASN B 122 -9.22 12.80 -16.10
CA ASN B 122 -8.46 13.53 -15.10
C ASN B 122 -8.07 12.60 -13.96
N GLY B 123 -6.76 12.40 -13.75
CA GLY B 123 -6.26 11.53 -12.71
C GLY B 123 -5.74 12.28 -11.48
N ILE B 124 -5.81 11.62 -10.34
CA ILE B 124 -5.45 12.18 -9.04
C ILE B 124 -4.07 11.66 -8.65
N LYS B 125 -3.15 12.59 -8.37
CA LYS B 125 -1.81 12.23 -7.91
C LYS B 125 -1.85 11.70 -6.49
N TRP B 126 -1.33 10.49 -6.28
CA TRP B 126 -1.26 9.94 -4.93
C TRP B 126 -0.09 10.60 -4.20
N SER B 127 -0.38 11.29 -3.09
CA SER B 127 0.67 12.01 -2.35
C SER B 127 0.91 11.31 -1.02
N HIS B 128 2.08 10.67 -0.89
CA HIS B 128 2.42 10.01 0.37
C HIS B 128 2.42 10.98 1.54
N GLU B 129 2.82 12.25 1.30
CA GLU B 129 2.86 13.21 2.40
C GLU B 129 1.50 13.83 2.69
N TYR B 130 0.56 13.85 1.73
CA TYR B 130 -0.75 14.48 1.94
C TYR B 130 -1.85 13.47 1.59
N GLN B 131 -1.90 12.38 2.35
CA GLN B 131 -2.81 11.29 1.98
C GLN B 131 -4.26 11.66 2.27
N GLU B 132 -4.53 12.31 3.42
CA GLU B 132 -5.91 12.66 3.70
C GLU B 132 -6.43 13.66 2.68
N ALA B 133 -5.56 14.51 2.16
CA ALA B 133 -5.96 15.45 1.11
C ALA B 133 -6.19 14.73 -0.21
N THR B 134 -5.36 13.73 -0.51
CA THR B 134 -5.58 12.90 -1.68
C THR B 134 -6.93 12.20 -1.61
N ILE B 135 -7.22 11.60 -0.46
CA ILE B 135 -8.49 10.88 -0.29
C ILE B 135 -9.66 11.84 -0.45
N GLU B 136 -9.55 13.03 0.16
CA GLU B 136 -10.65 13.99 0.07
C GLU B 136 -10.86 14.40 -1.37
N LYS B 137 -9.79 14.50 -2.17
CA LYS B 137 -9.96 14.79 -3.58
C LYS B 137 -10.66 13.64 -4.29
N ILE B 138 -10.27 12.41 -3.96
CA ILE B 138 -10.92 11.27 -4.59
C ILE B 138 -12.41 11.25 -4.28
N ILE B 139 -12.79 11.50 -3.03
CA ILE B 139 -14.21 11.49 -2.72
C ILE B 139 -14.93 12.59 -3.48
N ARG B 140 -14.26 13.72 -3.71
CA ARG B 140 -14.84 14.77 -4.55
C ARG B 140 -15.10 14.29 -5.97
N PHE B 141 -14.25 13.41 -6.50
CA PHE B 141 -14.40 12.94 -7.88
C PHE B 141 -15.53 11.91 -8.01
N LEU B 142 -15.83 11.18 -6.95
CA LEU B 142 -16.83 10.12 -7.01
C LEU B 142 -18.24 10.69 -6.99
N GLN B 143 -19.16 9.98 -7.62
CA GLN B 143 -20.57 10.38 -7.60
C GLN B 143 -21.37 9.49 -6.64
C14 Q0U C . 15.53 10.34 1.88
C15 Q0U C . 14.43 11.02 1.23
C17 Q0U C . 13.97 13.31 1.87
C19 Q0U C . 15.98 14.24 3.06
C02 Q0U C . 11.12 6.80 8.33
C03 Q0U C . 11.03 5.63 7.84
C05 Q0U C . 12.43 5.36 7.13
C06 Q0U C . 12.42 5.66 5.77
C21 Q0U C . 15.01 15.79 4.26
C22 Q0U C . 14.04 15.14 3.51
C24 Q0U C . 12.36 16.50 4.42
C26 Q0U C . 14.57 16.84 5.12
C28 Q0U C . 14.81 13.18 0.49
C30 Q0U C . 14.89 11.66 0.16
C35 Q0U C . 12.73 7.19 8.42
C37 Q0U C . 12.22 9.51 8.02
C38 Q0U C . 12.47 10.75 7.40
C39 Q0U C . 13.98 8.49 6.88
C40 Q0U C . 14.30 9.69 6.21
C41 Q0U C . 13.54 10.83 6.48
C42 Q0U C . 13.84 12.14 5.76
C44 Q0U C . 11.52 13.30 5.69
C46 Q0U C . 9.26 14.35 5.55
C47 Q0U C . 8.23 13.66 6.48
C52 Q0U C . 13.29 14.09 7.40
F48 Q0U C . 8.54 12.32 6.60
F49 Q0U C . 6.96 13.83 5.98
F50 Q0U C . 8.28 14.20 7.74
N18 Q0U C . 14.65 14.19 2.78
N20 Q0U C . 16.20 15.20 3.97
N23 Q0U C . 12.72 15.51 3.60
N25 Q0U C . 13.24 17.16 5.16
N27 Q0U C . 15.53 17.59 5.95
N36 Q0U C . 12.98 8.43 7.74
N43 Q0U C . 12.88 13.21 6.30
N45 Q0U C . 10.59 14.27 6.19
O01 Q0U C . 10.60 6.97 9.70
O04 Q0U C . 10.88 4.55 8.86
O07 Q0U C . 13.71 5.38 5.35
O09 Q0U C . 15.52 4.94 3.60
O10 Q0U C . 13.99 7.06 3.41
O12 Q0U C . 15.23 7.49 1.24
O13 Q0U C . 14.90 9.51 2.89
O16 Q0U C . 13.78 12.11 2.34
O29 Q0U C . 14.17 13.76 -0.48
O31 Q0U C . 14.08 11.35 -1.00
O32 Q0U C . 16.46 7.58 3.37
O33 Q0U C . 13.10 4.75 2.94
O34 Q0U C . 13.43 6.24 7.88
O51 Q0U C . 11.22 12.55 4.79
P08 Q0U C . 14.12 5.47 3.78
P11 Q0U C . 15.21 7.90 2.71
C14 Q0U D . -2.95 -14.04 -11.97
C15 Q0U D . -2.78 -14.67 -10.68
C17 Q0U D . -4.33 -16.24 -9.68
C19 Q0U D . -5.42 -17.38 -11.64
C02 Q0U D . -8.58 -7.55 -10.54
C03 Q0U D . -7.70 -6.62 -10.67
C05 Q0U D . -6.77 -7.07 -11.87
C06 Q0U D . -5.62 -7.77 -11.49
C21 Q0U D . -7.22 -18.14 -10.62
C22 Q0U D . -6.45 -17.46 -9.71
C24 Q0U D . -8.00 -17.89 -8.00
C26 Q0U D . -8.45 -18.70 -10.15
C28 Q0U D . -2.86 -16.84 -9.91
C30 Q0U D . -2.13 -15.82 -10.85
C35 Q0U D . -8.53 -8.48 -11.88
C37 Q0U D . -7.34 -10.52 -12.30
C38 Q0U D . -7.08 -11.88 -12.10
C39 Q0U D . -9.04 -10.48 -10.71
C40 Q0U D . -8.84 -11.87 -10.46
C41 Q0U D . -7.85 -12.55 -11.16
C42 Q0U D . -7.59 -14.04 -10.92
C44 Q0U D . -8.19 -14.34 -8.43
C46 Q0U D . -8.75 -14.60 -6.03
C47 Q0U D . -9.54 -13.37 -5.48
C52 Q0U D . -9.82 -15.21 -10.19
F48 Q0U D . -10.89 -13.52 -5.64
F49 Q0U D . -9.14 -12.26 -6.18
F50 Q0U D . -9.26 -13.26 -4.14
N18 Q0U D . -5.37 -17.00 -10.34
N20 Q0U D . -6.56 -18.06 -11.82
N23 Q0U D . -6.84 -17.33 -8.40
N25 Q0U D . -8.78 -18.55 -8.85
N27 Q0U D . -9.36 -19.46 -11.04
N36 Q0U D . -8.29 -9.86 -11.60
N43 Q0U D . -8.56 -14.54 -9.86
N45 Q0U D . -9.11 -14.80 -7.43
O01 Q0U D . -9.96 -7.06 -10.40
O04 Q0U D . -8.28 -5.27 -11.01
O07 Q0U D . -4.92 -8.02 -12.67
O09 Q0U D . -2.59 -8.00 -11.60
O10 Q0U D . -3.83 -10.20 -12.07
O12 Q0U D . -2.53 -11.71 -13.72
O13 Q0U D . -3.63 -12.80 -11.69
O16 Q0U D . -4.33 -15.01 -10.10
O29 Q0U D . -2.22 -16.88 -8.78
O31 Q0U D . -0.77 -15.63 -10.40
O32 Q0U D . -1.61 -11.24 -11.45
O33 Q0U D . -2.79 -8.77 -13.99
O34 Q0U D . -7.66 -7.97 -12.71
O51 Q0U D . -7.15 -13.78 -8.17
P08 Q0U D . -3.44 -8.69 -12.62
P11 Q0U D . -2.83 -11.47 -12.23
#